data_9HYP
#
_entry.id   9HYP
#
_cell.length_a   46.624
_cell.length_b   81.585
_cell.length_c   58.117
_cell.angle_alpha   90
_cell.angle_beta   97.75
_cell.angle_gamma   90
#
_symmetry.space_group_name_H-M   'P 1 21 1'
#
loop_
_entity.id
_entity.type
_entity.pdbx_description
1 polymer 'Probable global transcription activator SNF2L2'
2 polymer Elongin-B
3 polymer Elongin-C
4 polymer 'von Hippel-Lindau disease tumor suppressor'
5 non-polymer (2~{S},4~{R})-~{N}-[[2-[4-[4-(4-bromanyl-7-cyclopentyl-5-oxidanylidene-6~{H}-benzimidazolo[1,2-a]quinazolin-9-yl)piperidin-1-yl]butoxy]-4-(4-methyl-1,3-thiazol-5-yl)phenyl]methyl]-1-[(2~{S})-2-[(1-fluoranylcyclopropyl)carbonylamino]-3,3-dimethyl-butanoyl]-4-oxidanyl-pyrrolidine-2-carboxamide
6 water water
#
loop_
_entity_poly.entity_id
_entity_poly.type
_entity_poly.pdbx_seq_one_letter_code
_entity_poly.pdbx_strand_id
1 'polypeptide(L)'
;SMAEKLSPNPPKLTKQMNAIIDTVINYKDSSGRQLSEVFIQLPSRKELPEYYELIRKPVDFKKIKERIRNHKYRSLGDLE
KDVMLLCHNAQTFNLEGSQIYEDSIVLQSVFKSARQKIAKEEE
;
A
2 'polypeptide(L)'
;MDVFLMIRRHKTTIFTDAKESSTVFELKRIVEGILKRPPDEQRLYKDDQLLDDGKTLGECGFTSQTARPQAPATVGLAFR
ADDTFEALCIEPFSSPPELPDVMK
;
B
3 'polypeptide(L)'
;MMYVKLISSDGHEFIVKREHALTSGTIKAMLSGPGQFAENETNEVNFREIPSHVLSKVCMYFTYKVRYTNSSTEIPEFPI
APEIALELLMAANFLDC
;
C
4 'polypeptide(L)'
;GSMEAGRPRPVLRSVNSREPSQVIFCNRSPRVVLPVWLNFDGEPQPYPTLPPGTGRRIHSYRGHLWLFRDAGTHDGLLVN
QTELFVPSLNVDGQPIFANITLPVYTLKERCLQVVRSLVKPENYRRLDIVRSLYEDLEDHPNVQKDLERLTQERIAHQRM
GD
;
D
#
loop_
_chem_comp.id
_chem_comp.type
_chem_comp.name
_chem_comp.formula
A1IYM non-polymer (2~{S},4~{R})-~{N}-[[2-[4-[4-(4-bromanyl-7-cyclopentyl-5-oxidanylidene-6~{H}-benzimidazolo[1,2-a]quinazolin-9-yl)piperidin-1-yl]butoxy]-4-(4-methyl-1,3-thiazol-5-yl)phenyl]methyl]-1-[(2~{S})-2-[(1-fluoranylcyclopropyl)carbonylamino]-3,3-dimethyl-butanoyl]-4-oxidanyl-pyrrolidine-2-carboxamide 'C54 H65 Br F N8 O6 S 1'
#
# COMPACT_ATOMS: atom_id res chain seq x y z
N LEU A 6 -38.54 -20.65 -31.90
CA LEU A 6 -39.68 -20.60 -30.98
C LEU A 6 -40.17 -22.01 -30.60
N SER A 7 -40.66 -22.78 -31.60
CA SER A 7 -41.16 -24.15 -31.42
C SER A 7 -39.99 -25.15 -31.34
N PRO A 8 -40.12 -26.29 -30.60
CA PRO A 8 -39.00 -27.24 -30.53
C PRO A 8 -38.67 -27.96 -31.84
N ASN A 9 -37.37 -28.06 -32.14
CA ASN A 9 -36.82 -28.75 -33.31
C ASN A 9 -36.94 -30.28 -33.06
N PRO A 10 -36.84 -31.17 -34.09
CA PRO A 10 -36.91 -32.62 -33.80
C PRO A 10 -35.91 -33.03 -32.70
N PRO A 11 -36.32 -33.89 -31.71
CA PRO A 11 -35.40 -34.22 -30.59
C PRO A 11 -34.02 -34.76 -30.96
N LYS A 12 -33.88 -35.45 -32.12
CA LYS A 12 -32.61 -35.99 -32.62
C LYS A 12 -31.62 -34.85 -32.87
N LEU A 13 -32.09 -33.79 -33.56
CA LEU A 13 -31.35 -32.56 -33.89
C LEU A 13 -30.81 -31.87 -32.61
N THR A 14 -31.69 -31.69 -31.60
CA THR A 14 -31.35 -31.06 -30.31
C THR A 14 -30.28 -31.88 -29.59
N LYS A 15 -30.44 -33.23 -29.57
CA LYS A 15 -29.50 -34.18 -28.97
C LYS A 15 -28.14 -34.11 -29.67
N GLN A 16 -28.15 -33.97 -31.02
CA GLN A 16 -26.96 -33.85 -31.86
C GLN A 16 -26.22 -32.55 -31.54
N MET A 17 -26.98 -31.43 -31.42
CA MET A 17 -26.44 -30.10 -31.10
C MET A 17 -25.73 -30.08 -29.76
N ASN A 18 -26.34 -30.71 -28.74
CA ASN A 18 -25.81 -30.80 -27.38
C ASN A 18 -24.57 -31.67 -27.31
N ALA A 19 -24.55 -32.81 -28.02
CA ALA A 19 -23.41 -33.73 -28.06
C ALA A 19 -22.16 -33.02 -28.60
N ILE A 20 -22.30 -32.23 -29.70
CA ILE A 20 -21.21 -31.47 -30.30
C ILE A 20 -20.72 -30.36 -29.35
N ILE A 21 -21.66 -29.55 -28.81
CA ILE A 21 -21.29 -28.46 -27.92
C ILE A 21 -20.62 -28.96 -26.62
N ASP A 22 -21.13 -30.08 -26.05
CA ASP A 22 -20.56 -30.65 -24.83
C ASP A 22 -19.14 -31.15 -25.07
N THR A 23 -18.88 -31.73 -26.27
CA THR A 23 -17.55 -32.21 -26.67
C THR A 23 -16.57 -31.02 -26.77
N VAL A 24 -17.02 -29.89 -27.38
CA VAL A 24 -16.25 -28.67 -27.52
C VAL A 24 -15.96 -27.99 -26.15
N ILE A 25 -16.99 -27.93 -25.27
CA ILE A 25 -16.86 -27.30 -23.97
C ILE A 25 -16.03 -28.18 -23.00
N ASN A 26 -16.26 -29.50 -22.96
CA ASN A 26 -15.51 -30.38 -22.06
C ASN A 26 -14.12 -30.80 -22.60
N TYR A 27 -13.74 -30.29 -23.79
CA TYR A 27 -12.48 -30.60 -24.43
C TYR A 27 -11.25 -30.14 -23.64
N LYS A 28 -10.24 -31.04 -23.60
CA LYS A 28 -8.94 -30.81 -22.99
C LYS A 28 -7.87 -30.96 -24.07
N ASP A 29 -7.09 -29.89 -24.30
CA ASP A 29 -6.00 -29.89 -25.29
C ASP A 29 -4.86 -30.85 -24.85
N SER A 30 -3.85 -31.10 -25.74
CA SER A 30 -2.74 -32.01 -25.43
C SER A 30 -2.08 -31.71 -24.06
N SER A 31 -2.04 -30.40 -23.64
CA SER A 31 -1.47 -29.96 -22.35
C SER A 31 -2.36 -30.30 -21.14
N GLY A 32 -3.61 -30.69 -21.39
CA GLY A 32 -4.59 -31.05 -20.39
C GLY A 32 -5.43 -29.90 -19.84
N ARG A 33 -5.61 -28.84 -20.65
CA ARG A 33 -6.38 -27.66 -20.23
C ARG A 33 -7.76 -27.59 -20.87
N GLN A 34 -8.76 -27.09 -20.11
CA GLN A 34 -10.11 -26.91 -20.64
C GLN A 34 -10.21 -25.54 -21.35
N LEU A 35 -9.91 -25.53 -22.65
CA LEU A 35 -9.84 -24.37 -23.54
C LEU A 35 -11.08 -23.48 -23.55
N SER A 36 -12.29 -24.07 -23.40
CA SER A 36 -13.56 -23.33 -23.40
C SER A 36 -13.72 -22.34 -22.23
N GLU A 37 -13.10 -22.62 -21.06
CA GLU A 37 -13.16 -21.86 -19.80
C GLU A 37 -13.31 -20.33 -19.95
N VAL A 38 -12.38 -19.67 -20.68
CA VAL A 38 -12.43 -18.21 -20.86
C VAL A 38 -13.52 -17.74 -21.86
N PHE A 39 -13.96 -18.63 -22.77
CA PHE A 39 -14.99 -18.32 -23.77
C PHE A 39 -16.43 -18.60 -23.33
N ILE A 40 -16.62 -19.10 -22.09
CA ILE A 40 -17.93 -19.41 -21.49
C ILE A 40 -18.77 -18.13 -21.38
N GLN A 41 -18.22 -17.10 -20.73
CA GLN A 41 -18.88 -15.81 -20.51
C GLN A 41 -18.06 -14.66 -21.06
N LEU A 42 -18.73 -13.76 -21.81
CA LEU A 42 -18.17 -12.54 -22.42
C LEU A 42 -17.63 -11.57 -21.35
N PRO A 43 -16.63 -10.71 -21.67
CA PRO A 43 -16.16 -9.74 -20.65
C PRO A 43 -17.26 -8.69 -20.40
N SER A 44 -17.45 -8.24 -19.14
CA SER A 44 -18.47 -7.23 -18.83
C SER A 44 -18.24 -5.92 -19.61
N ARG A 45 -19.33 -5.31 -20.13
CA ARG A 45 -19.30 -4.04 -20.87
C ARG A 45 -18.67 -2.88 -20.05
N LYS A 46 -18.83 -2.90 -18.71
CA LYS A 46 -18.23 -1.90 -17.82
C LYS A 46 -16.78 -2.27 -17.44
N GLU A 47 -16.36 -3.50 -17.78
CA GLU A 47 -15.02 -4.05 -17.50
C GLU A 47 -14.05 -3.91 -18.68
N LEU A 48 -14.54 -4.19 -19.90
CA LEU A 48 -13.78 -4.08 -21.15
C LEU A 48 -14.72 -3.49 -22.23
N PRO A 49 -14.94 -2.15 -22.23
CA PRO A 49 -15.87 -1.56 -23.22
C PRO A 49 -15.36 -1.62 -24.65
N GLU A 50 -14.02 -1.66 -24.82
CA GLU A 50 -13.33 -1.76 -26.11
C GLU A 50 -13.69 -3.05 -26.86
N TYR A 51 -14.22 -4.09 -26.15
CA TYR A 51 -14.65 -5.34 -26.77
C TYR A 51 -15.90 -5.12 -27.60
N TYR A 52 -16.91 -4.45 -27.03
CA TYR A 52 -18.19 -4.19 -27.69
C TYR A 52 -18.11 -3.10 -28.76
N GLU A 53 -17.00 -2.34 -28.79
CA GLU A 53 -16.74 -1.30 -29.78
C GLU A 53 -16.22 -1.93 -31.08
N LEU A 54 -15.31 -2.94 -30.96
CA LEU A 54 -14.70 -3.65 -32.08
C LEU A 54 -15.54 -4.87 -32.55
N ILE A 55 -16.11 -5.63 -31.60
CA ILE A 55 -16.92 -6.81 -31.87
C ILE A 55 -18.41 -6.42 -31.99
N ARG A 56 -18.91 -6.29 -33.24
CA ARG A 56 -20.30 -5.90 -33.56
C ARG A 56 -21.33 -6.96 -33.19
N LYS A 57 -20.98 -8.26 -33.36
CA LYS A 57 -21.84 -9.40 -33.04
C LYS A 57 -21.18 -10.27 -31.94
N PRO A 58 -21.27 -9.86 -30.65
CA PRO A 58 -20.64 -10.65 -29.58
C PRO A 58 -21.36 -11.96 -29.27
N VAL A 59 -20.59 -13.02 -28.93
CA VAL A 59 -21.14 -14.36 -28.61
C VAL A 59 -20.18 -15.16 -27.67
N ASP A 60 -20.77 -15.96 -26.80
CA ASP A 60 -20.05 -16.81 -25.85
C ASP A 60 -20.70 -18.19 -25.80
N PHE A 61 -20.06 -19.17 -25.14
CA PHE A 61 -20.59 -20.53 -25.05
C PHE A 61 -21.92 -20.63 -24.30
N LYS A 62 -22.18 -19.70 -23.34
CA LYS A 62 -23.40 -19.58 -22.56
C LYS A 62 -24.57 -19.14 -23.48
N LYS A 63 -24.32 -18.14 -24.35
CA LYS A 63 -25.28 -17.63 -25.35
C LYS A 63 -25.59 -18.70 -26.42
N ILE A 64 -24.58 -19.51 -26.81
CA ILE A 64 -24.71 -20.60 -27.78
C ILE A 64 -25.60 -21.72 -27.17
N LYS A 65 -25.29 -22.14 -25.91
CA LYS A 65 -26.07 -23.16 -25.20
C LYS A 65 -27.52 -22.71 -24.99
N GLU A 66 -27.73 -21.39 -24.77
CA GLU A 66 -29.03 -20.74 -24.60
C GLU A 66 -29.84 -20.81 -25.91
N ARG A 67 -29.17 -20.68 -27.06
CA ARG A 67 -29.82 -20.71 -28.38
C ARG A 67 -30.24 -22.14 -28.79
N ILE A 68 -29.58 -23.18 -28.24
CA ILE A 68 -29.91 -24.59 -28.49
C ILE A 68 -31.23 -24.94 -27.78
N ARG A 69 -31.32 -24.60 -26.47
CA ARG A 69 -32.49 -24.86 -25.63
C ARG A 69 -33.71 -24.00 -25.99
N ASN A 70 -33.50 -22.81 -26.60
CA ASN A 70 -34.57 -21.93 -27.05
C ASN A 70 -35.02 -22.31 -28.48
N HIS A 71 -34.25 -23.25 -29.12
CA HIS A 71 -34.42 -23.77 -30.48
C HIS A 71 -34.24 -22.66 -31.54
N LYS A 72 -33.34 -21.69 -31.26
CA LYS A 72 -33.01 -20.57 -32.15
C LYS A 72 -32.25 -21.10 -33.37
N TYR A 73 -31.36 -22.11 -33.15
CA TYR A 73 -30.65 -22.76 -34.25
C TYR A 73 -31.59 -23.82 -34.78
N ARG A 74 -31.78 -23.85 -36.11
CA ARG A 74 -32.67 -24.81 -36.78
C ARG A 74 -31.92 -25.94 -37.49
N SER A 75 -30.56 -25.91 -37.42
CA SER A 75 -29.69 -26.90 -38.06
C SER A 75 -28.29 -26.88 -37.45
N LEU A 76 -27.48 -27.93 -37.73
CA LEU A 76 -26.09 -28.01 -37.28
C LEU A 76 -25.24 -26.88 -37.91
N GLY A 77 -25.67 -26.39 -39.08
CA GLY A 77 -25.04 -25.27 -39.78
C GLY A 77 -25.21 -23.95 -39.03
N ASP A 78 -26.44 -23.68 -38.54
CA ASP A 78 -26.79 -22.49 -37.74
C ASP A 78 -25.95 -22.44 -36.46
N LEU A 79 -25.72 -23.62 -35.84
CA LEU A 79 -24.89 -23.80 -34.66
C LEU A 79 -23.40 -23.56 -35.02
N GLU A 80 -22.94 -24.12 -36.17
CA GLU A 80 -21.56 -23.98 -36.67
C GLU A 80 -21.21 -22.51 -36.90
N LYS A 81 -22.13 -21.75 -37.54
CA LYS A 81 -21.97 -20.33 -37.85
C LYS A 81 -21.72 -19.47 -36.60
N ASP A 82 -22.37 -19.82 -35.46
CA ASP A 82 -22.19 -19.12 -34.20
C ASP A 82 -20.89 -19.50 -33.47
N VAL A 83 -20.39 -20.74 -33.69
CA VAL A 83 -19.13 -21.22 -33.11
C VAL A 83 -17.96 -20.63 -33.90
N MET A 84 -18.11 -20.52 -35.24
CA MET A 84 -17.11 -19.93 -36.12
C MET A 84 -16.97 -18.43 -35.78
N LEU A 85 -18.13 -17.76 -35.54
CA LEU A 85 -18.21 -16.34 -35.15
C LEU A 85 -17.48 -16.07 -33.81
N LEU A 86 -17.67 -16.93 -32.80
CA LEU A 86 -17.00 -16.81 -31.50
C LEU A 86 -15.48 -16.83 -31.73
N CYS A 87 -14.99 -17.87 -32.40
CA CYS A 87 -13.57 -18.08 -32.69
C CYS A 87 -12.99 -16.94 -33.52
N HIS A 88 -13.75 -16.45 -34.53
CA HIS A 88 -13.37 -15.29 -35.36
C HIS A 88 -13.25 -14.02 -34.49
N ASN A 89 -14.26 -13.74 -33.63
CA ASN A 89 -14.28 -12.60 -32.69
C ASN A 89 -13.07 -12.64 -31.76
N ALA A 90 -12.74 -13.84 -31.23
CA ALA A 90 -11.59 -14.10 -30.38
C ALA A 90 -10.28 -13.82 -31.14
N GLN A 91 -10.17 -14.33 -32.40
CA GLN A 91 -9.01 -14.11 -33.26
C GLN A 91 -8.86 -12.64 -33.73
N THR A 92 -9.95 -11.84 -33.66
CA THR A 92 -10.00 -10.42 -34.05
C THR A 92 -9.52 -9.50 -32.92
N PHE A 93 -10.11 -9.65 -31.71
CA PHE A 93 -9.78 -8.81 -30.55
C PHE A 93 -8.40 -9.06 -29.98
N ASN A 94 -8.02 -10.34 -29.87
CA ASN A 94 -6.76 -10.76 -29.27
C ASN A 94 -5.63 -10.89 -30.28
N LEU A 95 -4.41 -10.56 -29.82
CA LEU A 95 -3.19 -10.59 -30.62
C LEU A 95 -2.77 -12.02 -30.98
N GLU A 96 -2.20 -12.18 -32.19
CA GLU A 96 -1.68 -13.43 -32.73
C GLU A 96 -0.50 -13.87 -31.86
N GLY A 97 -0.45 -15.16 -31.53
CA GLY A 97 0.61 -15.71 -30.68
C GLY A 97 0.23 -15.80 -29.21
N SER A 98 -0.79 -15.03 -28.77
CA SER A 98 -1.27 -15.05 -27.38
C SER A 98 -2.03 -16.35 -27.14
N GLN A 99 -1.95 -16.88 -25.91
CA GLN A 99 -2.56 -18.15 -25.51
C GLN A 99 -4.06 -18.24 -25.88
N ILE A 100 -4.85 -17.18 -25.59
CA ILE A 100 -6.28 -17.12 -25.91
C ILE A 100 -6.55 -17.28 -27.44
N TYR A 101 -5.73 -16.66 -28.28
CA TYR A 101 -5.83 -16.71 -29.74
C TYR A 101 -5.63 -18.14 -30.23
N GLU A 102 -4.55 -18.80 -29.76
CA GLU A 102 -4.20 -20.18 -30.12
C GLU A 102 -5.26 -21.16 -29.64
N ASP A 103 -5.88 -20.87 -28.48
CA ASP A 103 -6.94 -21.68 -27.87
C ASP A 103 -8.19 -21.70 -28.73
N SER A 104 -8.53 -20.54 -29.35
CA SER A 104 -9.69 -20.44 -30.25
C SER A 104 -9.48 -21.23 -31.56
N ILE A 105 -8.23 -21.42 -32.01
CA ILE A 105 -7.89 -22.19 -33.23
C ILE A 105 -8.26 -23.67 -33.01
N VAL A 106 -7.80 -24.22 -31.86
CA VAL A 106 -8.00 -25.61 -31.45
C VAL A 106 -9.48 -25.94 -31.25
N LEU A 107 -10.23 -25.05 -30.55
CA LEU A 107 -11.66 -25.18 -30.30
C LEU A 107 -12.48 -25.23 -31.61
N GLN A 108 -12.14 -24.34 -32.58
CA GLN A 108 -12.74 -24.28 -33.92
C GLN A 108 -12.52 -25.63 -34.68
N SER A 109 -11.32 -26.23 -34.54
CA SER A 109 -10.93 -27.51 -35.14
C SER A 109 -11.68 -28.69 -34.44
N VAL A 110 -11.79 -28.63 -33.10
CA VAL A 110 -12.49 -29.62 -32.27
C VAL A 110 -13.98 -29.67 -32.70
N PHE A 111 -14.58 -28.48 -32.97
CA PHE A 111 -15.97 -28.38 -33.44
C PHE A 111 -16.17 -29.15 -34.73
N LYS A 112 -15.27 -28.95 -35.71
CA LYS A 112 -15.32 -29.61 -37.01
C LYS A 112 -15.22 -31.14 -36.87
N SER A 113 -14.36 -31.61 -35.93
CA SER A 113 -14.16 -33.03 -35.62
C SER A 113 -15.40 -33.63 -34.93
N ALA A 114 -15.99 -32.87 -33.96
CA ALA A 114 -17.19 -33.26 -33.22
C ALA A 114 -18.40 -33.33 -34.14
N ARG A 115 -18.50 -32.37 -35.09
CA ARG A 115 -19.57 -32.28 -36.10
C ARG A 115 -19.51 -33.49 -37.06
N GLN A 116 -18.29 -33.81 -37.57
CA GLN A 116 -18.05 -34.91 -38.50
C GLN A 116 -18.29 -36.29 -37.87
N LYS A 117 -17.97 -36.44 -36.57
CA LYS A 117 -18.19 -37.68 -35.82
C LYS A 117 -19.69 -37.92 -35.59
N ILE A 118 -20.45 -36.83 -35.38
CA ILE A 118 -21.91 -36.86 -35.19
C ILE A 118 -22.62 -37.18 -36.52
N ALA A 119 -22.08 -36.69 -37.65
CA ALA A 119 -22.60 -36.92 -39.00
C ALA A 119 -22.38 -38.38 -39.45
N LYS A 120 -21.30 -39.02 -38.97
CA LYS A 120 -20.94 -40.41 -39.26
C LYS A 120 -21.86 -41.42 -38.57
N GLU A 121 -22.37 -41.07 -37.37
CA GLU A 121 -23.25 -41.91 -36.56
C GLU A 121 -24.65 -42.04 -37.17
N MET B 1 -2.92 1.72 28.12
CA MET B 1 -2.82 2.28 26.78
C MET B 1 -1.65 3.25 26.72
N ASP B 2 -0.80 3.12 25.67
CA ASP B 2 0.39 3.95 25.54
C ASP B 2 0.13 5.39 25.11
N VAL B 3 0.75 6.33 25.82
CA VAL B 3 0.70 7.77 25.57
C VAL B 3 2.06 8.24 25.13
N PHE B 4 2.10 9.15 24.15
CA PHE B 4 3.36 9.69 23.64
C PHE B 4 3.50 11.14 24.02
N LEU B 5 4.57 11.43 24.78
CA LEU B 5 4.79 12.73 25.38
C LEU B 5 6.02 13.48 24.90
N MET B 6 5.89 14.78 25.03
CA MET B 6 6.88 15.81 24.74
C MET B 6 6.96 16.61 26.04
N ILE B 7 7.97 16.35 26.88
CA ILE B 7 8.16 17.09 28.12
C ILE B 7 8.94 18.38 27.81
N ARG B 8 8.36 19.55 28.12
CA ARG B 8 8.95 20.86 27.82
C ARG B 8 9.36 21.65 29.04
N ARG B 9 10.64 22.04 29.08
CA ARG B 9 11.24 22.88 30.10
C ARG B 9 12.19 23.89 29.43
N HIS B 10 11.75 25.16 29.29
CA HIS B 10 12.49 26.26 28.64
C HIS B 10 12.94 25.91 27.20
N LYS B 11 14.20 25.49 27.02
CA LYS B 11 14.77 25.13 25.71
C LYS B 11 15.16 23.65 25.64
N THR B 12 14.61 22.85 26.59
CA THR B 12 14.78 21.40 26.69
C THR B 12 13.46 20.71 26.38
N THR B 13 13.55 19.67 25.54
CA THR B 13 12.42 18.84 25.17
C THR B 13 12.79 17.37 25.36
N ILE B 14 12.05 16.64 26.17
CA ILE B 14 12.25 15.20 26.31
C ILE B 14 11.13 14.50 25.57
N PHE B 15 11.47 13.61 24.63
CA PHE B 15 10.48 12.80 23.94
C PHE B 15 10.46 11.43 24.64
N THR B 16 9.33 11.03 25.23
CA THR B 16 9.18 9.76 25.93
C THR B 16 7.74 9.21 25.80
N ASP B 17 7.53 7.98 26.23
CA ASP B 17 6.24 7.31 26.23
C ASP B 17 5.93 6.74 27.62
N ALA B 18 4.63 6.55 27.92
CA ALA B 18 4.17 5.99 29.19
C ALA B 18 2.81 5.37 29.00
N LYS B 19 2.25 4.85 30.08
CA LYS B 19 0.93 4.24 30.09
C LYS B 19 -0.06 5.27 30.62
N GLU B 20 -1.37 5.09 30.29
CA GLU B 20 -2.44 5.95 30.78
C GLU B 20 -2.58 5.67 32.29
N SER B 21 -2.23 4.43 32.69
CA SER B 21 -2.28 3.92 34.05
C SER B 21 -1.05 4.30 34.87
N SER B 22 -0.06 4.89 34.23
CA SER B 22 1.13 5.31 34.98
C SER B 22 0.89 6.66 35.71
N THR B 23 1.55 6.83 36.86
CA THR B 23 1.39 8.04 37.66
C THR B 23 2.35 9.17 37.24
N VAL B 24 2.04 10.41 37.70
CA VAL B 24 2.83 11.63 37.48
C VAL B 24 4.18 11.41 38.16
N PHE B 25 4.14 10.82 39.37
CA PHE B 25 5.30 10.46 40.14
C PHE B 25 6.24 9.59 39.28
N GLU B 26 5.67 8.58 38.58
CA GLU B 26 6.40 7.69 37.68
C GLU B 26 7.09 8.44 36.53
N LEU B 27 6.38 9.38 35.89
CA LEU B 27 6.89 10.23 34.82
C LEU B 27 8.08 11.06 35.35
N LYS B 28 7.95 11.64 36.56
CA LYS B 28 8.99 12.38 37.27
C LYS B 28 10.27 11.56 37.46
N ARG B 29 10.16 10.22 37.62
CA ARG B 29 11.28 9.28 37.76
C ARG B 29 12.07 9.17 36.46
N ILE B 30 11.36 9.23 35.32
CA ILE B 30 11.94 9.18 33.97
C ILE B 30 12.75 10.48 33.77
N VAL B 31 12.15 11.62 34.16
CA VAL B 31 12.75 12.95 34.13
C VAL B 31 13.98 12.96 35.06
N GLU B 32 13.87 12.33 36.24
CA GLU B 32 14.96 12.18 37.22
C GLU B 32 16.15 11.44 36.58
N GLY B 33 15.87 10.35 35.86
CA GLY B 33 16.90 9.58 35.16
C GLY B 33 17.66 10.41 34.13
N ILE B 34 16.94 11.23 33.37
CA ILE B 34 17.51 12.09 32.33
C ILE B 34 18.19 13.36 32.86
N LEU B 35 17.42 14.23 33.54
CA LEU B 35 17.85 15.55 33.97
C LEU B 35 18.48 15.61 35.37
N LYS B 36 18.56 14.45 36.08
CA LYS B 36 19.20 14.27 37.39
C LYS B 36 18.67 15.24 38.46
N ARG B 37 17.34 15.40 38.51
CA ARG B 37 16.65 16.24 39.50
C ARG B 37 15.58 15.38 40.18
N PRO B 38 15.53 15.35 41.54
CA PRO B 38 14.55 14.49 42.22
C PRO B 38 13.09 14.89 41.95
N PRO B 39 12.13 13.93 42.08
CA PRO B 39 10.71 14.27 41.82
C PRO B 39 10.15 15.43 42.67
N ASP B 40 10.70 15.64 43.90
CA ASP B 40 10.30 16.74 44.80
C ASP B 40 10.64 18.13 44.25
N GLU B 41 11.73 18.21 43.45
CA GLU B 41 12.20 19.42 42.81
C GLU B 41 11.47 19.64 41.46
N GLN B 42 10.55 18.74 41.11
CA GLN B 42 9.81 18.81 39.85
C GLN B 42 8.38 19.23 39.97
N ARG B 43 7.89 19.97 38.95
CA ARG B 43 6.50 20.39 38.81
C ARG B 43 6.01 20.05 37.39
N LEU B 44 4.99 19.19 37.27
CA LEU B 44 4.48 18.80 35.95
C LEU B 44 3.14 19.46 35.63
N TYR B 45 2.97 19.83 34.36
CA TYR B 45 1.80 20.57 33.90
C TYR B 45 1.15 20.03 32.66
N LYS B 46 -0.16 20.26 32.58
CA LYS B 46 -0.99 19.97 31.43
C LYS B 46 -1.86 21.19 31.23
N ASP B 47 -1.75 21.82 30.04
CA ASP B 47 -2.47 23.05 29.68
C ASP B 47 -2.35 24.10 30.79
N ASP B 48 -1.13 24.24 31.37
CA ASP B 48 -0.73 25.15 32.46
C ASP B 48 -1.26 24.76 33.87
N GLN B 49 -1.97 23.61 34.01
CA GLN B 49 -2.46 23.16 35.31
C GLN B 49 -1.50 22.17 35.95
N LEU B 50 -1.09 22.43 37.22
CA LEU B 50 -0.18 21.57 37.98
C LEU B 50 -0.79 20.16 38.20
N LEU B 51 0.05 19.13 38.17
CA LEU B 51 -0.41 17.74 38.31
C LEU B 51 0.05 17.08 39.61
N ASP B 52 -0.89 16.45 40.34
CA ASP B 52 -0.59 15.74 41.59
C ASP B 52 0.09 14.39 41.28
N ASP B 53 1.18 14.04 42.03
CA ASP B 53 1.99 12.81 41.92
C ASP B 53 1.19 11.50 41.88
N GLY B 54 0.19 11.38 42.77
CA GLY B 54 -0.64 10.20 42.91
C GLY B 54 -1.57 9.89 41.75
N LYS B 55 -1.85 10.89 40.88
CA LYS B 55 -2.73 10.76 39.74
C LYS B 55 -2.12 10.03 38.55
N THR B 56 -2.94 9.21 37.85
CA THR B 56 -2.53 8.56 36.60
C THR B 56 -2.57 9.61 35.47
N LEU B 57 -1.85 9.38 34.38
CA LEU B 57 -1.84 10.29 33.23
C LEU B 57 -3.21 10.39 32.55
N GLY B 58 -3.94 9.27 32.55
CA GLY B 58 -5.31 9.14 32.05
C GLY B 58 -6.30 10.02 32.80
N GLU B 59 -6.12 10.11 34.13
CA GLU B 59 -6.89 10.96 35.04
C GLU B 59 -6.54 12.44 34.78
N CYS B 60 -5.30 12.72 34.36
CA CYS B 60 -4.82 14.07 34.05
C CYS B 60 -5.32 14.59 32.70
N GLY B 61 -5.76 13.69 31.82
CA GLY B 61 -6.28 14.04 30.50
C GLY B 61 -5.49 13.50 29.33
N PHE B 62 -4.35 12.81 29.59
CA PHE B 62 -3.54 12.23 28.53
C PHE B 62 -4.13 10.91 28.07
N THR B 63 -4.65 10.89 26.84
CA THR B 63 -5.24 9.69 26.27
C THR B 63 -4.49 9.30 25.01
N SER B 64 -4.49 7.99 24.70
CA SER B 64 -3.86 7.41 23.51
C SER B 64 -4.31 8.08 22.22
N GLN B 65 -5.61 8.42 22.07
CA GLN B 65 -6.13 9.08 20.87
C GLN B 65 -5.53 10.48 20.61
N THR B 66 -5.18 11.20 21.69
CA THR B 66 -4.62 12.56 21.62
C THR B 66 -3.08 12.65 21.89
N ALA B 67 -2.45 11.57 22.40
CA ALA B 67 -1.01 11.52 22.69
C ALA B 67 -0.34 10.47 21.77
N ARG B 68 -0.29 10.83 20.47
CA ARG B 68 0.18 10.02 19.36
C ARG B 68 1.70 10.06 19.11
N PRO B 69 2.29 8.97 18.57
CA PRO B 69 3.75 8.99 18.27
C PRO B 69 4.18 10.15 17.35
N GLN B 70 3.36 10.50 16.35
CA GLN B 70 3.59 11.55 15.35
C GLN B 70 3.06 12.93 15.76
N ALA B 71 2.27 12.99 16.87
CA ALA B 71 1.72 14.22 17.46
C ALA B 71 1.67 14.02 18.99
N PRO B 72 2.86 14.05 19.67
CA PRO B 72 2.87 13.82 21.13
C PRO B 72 2.19 14.92 21.95
N ALA B 73 1.58 14.53 23.09
CA ALA B 73 0.95 15.50 24.01
C ALA B 73 2.05 16.27 24.76
N THR B 74 1.83 17.56 25.02
CA THR B 74 2.81 18.39 25.72
C THR B 74 2.69 18.29 27.23
N VAL B 75 3.83 18.10 27.91
CA VAL B 75 3.89 18.07 29.36
C VAL B 75 4.80 19.21 29.80
N GLY B 76 4.24 20.15 30.58
CA GLY B 76 4.98 21.27 31.12
C GLY B 76 5.88 20.84 32.26
N LEU B 77 7.13 21.32 32.26
CA LEU B 77 8.07 21.00 33.33
C LEU B 77 8.75 22.23 33.85
N ALA B 78 8.75 22.40 35.18
CA ALA B 78 9.46 23.48 35.88
C ALA B 78 10.24 22.87 37.06
N PHE B 79 11.37 23.48 37.43
CA PHE B 79 12.19 23.00 38.55
C PHE B 79 12.09 23.90 39.80
N ARG B 80 12.60 23.43 40.96
CA ARG B 80 12.56 24.15 42.24
C ARG B 80 13.50 25.37 42.28
N GLU B 86 11.17 28.98 40.25
CA GLU B 86 11.18 29.00 38.79
C GLU B 86 9.76 28.87 38.23
N ALA B 87 9.44 29.73 37.25
CA ALA B 87 8.15 29.75 36.55
C ALA B 87 8.16 28.73 35.42
N LEU B 88 6.99 28.14 35.12
CA LEU B 88 6.86 27.23 33.98
C LEU B 88 6.99 28.08 32.71
N CYS B 89 8.03 27.79 31.92
CA CYS B 89 8.37 28.55 30.72
C CYS B 89 8.56 27.64 29.50
N ILE B 90 7.71 27.82 28.49
CA ILE B 90 7.79 27.05 27.26
C ILE B 90 8.27 28.04 26.17
N GLU B 91 9.56 27.96 25.82
CA GLU B 91 10.15 28.84 24.82
C GLU B 91 9.78 28.43 23.38
N PRO B 92 9.20 29.34 22.56
CA PRO B 92 8.84 28.94 21.18
C PRO B 92 10.03 28.49 20.34
N PHE B 93 9.76 27.64 19.34
CA PHE B 93 10.81 27.18 18.42
C PHE B 93 11.07 28.20 17.33
N SER B 94 11.93 27.86 16.38
CA SER B 94 12.25 28.72 15.24
C SER B 94 11.07 28.64 14.27
N SER B 95 10.97 29.63 13.40
CA SER B 95 9.87 29.65 12.46
C SER B 95 10.31 29.27 11.06
N PRO B 96 9.46 28.49 10.33
CA PRO B 96 9.82 28.17 8.93
C PRO B 96 9.81 29.45 8.11
N PRO B 97 10.47 29.49 6.94
CA PRO B 97 10.38 30.71 6.10
C PRO B 97 8.94 30.88 5.58
N GLU B 98 8.68 31.96 4.85
CA GLU B 98 7.37 32.17 4.22
C GLU B 98 7.21 31.05 3.17
N LEU B 99 5.99 30.50 3.04
CA LEU B 99 5.70 29.44 2.06
C LEU B 99 5.96 29.96 0.63
N PRO B 100 6.72 29.19 -0.19
CA PRO B 100 6.99 29.63 -1.57
C PRO B 100 5.72 29.78 -2.41
N ASP B 101 5.76 30.70 -3.40
CA ASP B 101 4.65 30.94 -4.30
C ASP B 101 4.28 29.66 -5.11
N VAL B 102 5.28 28.84 -5.45
CA VAL B 102 5.08 27.58 -6.21
C VAL B 102 4.45 26.46 -5.32
N MET B 103 4.37 26.68 -4.00
CA MET B 103 3.75 25.75 -3.04
C MET B 103 2.36 26.25 -2.61
N LYS B 104 1.96 27.43 -3.14
CA LYS B 104 0.67 28.08 -2.87
C LYS B 104 -0.31 27.69 -3.97
N MET C 1 24.04 6.38 28.61
CA MET C 1 22.83 5.67 29.04
C MET C 1 21.81 5.47 27.88
N MET C 2 20.50 5.38 28.22
CA MET C 2 19.39 5.12 27.30
C MET C 2 18.95 6.33 26.46
N TYR C 3 19.45 7.54 26.77
CA TYR C 3 19.06 8.77 26.08
C TYR C 3 20.21 9.56 25.46
N VAL C 4 19.96 10.22 24.30
CA VAL C 4 20.95 11.10 23.66
C VAL C 4 20.39 12.52 23.51
N LYS C 5 21.28 13.52 23.45
CA LYS C 5 20.88 14.92 23.30
C LYS C 5 21.23 15.43 21.92
N LEU C 6 20.23 15.98 21.23
CA LEU C 6 20.39 16.58 19.90
C LEU C 6 20.17 18.08 20.08
N ILE C 7 21.18 18.88 19.71
CA ILE C 7 21.07 20.34 19.89
C ILE C 7 20.85 21.01 18.53
N SER C 8 19.84 21.89 18.47
CA SER C 8 19.49 22.60 17.25
C SER C 8 20.43 23.79 17.03
N SER C 9 20.41 24.34 15.81
CA SER C 9 21.20 25.49 15.40
C SER C 9 20.92 26.74 16.27
N ASP C 10 19.71 26.85 16.83
CA ASP C 10 19.25 27.96 17.67
C ASP C 10 19.26 27.65 19.20
N GLY C 11 19.90 26.55 19.61
CA GLY C 11 20.11 26.25 21.02
C GLY C 11 19.21 25.26 21.73
N HIS C 12 18.05 24.91 21.14
CA HIS C 12 17.11 23.95 21.74
C HIS C 12 17.67 22.55 21.77
N GLU C 13 17.51 21.87 22.90
CA GLU C 13 17.98 20.50 23.15
C GLU C 13 16.81 19.54 23.04
N PHE C 14 17.02 18.41 22.35
CA PHE C 14 16.01 17.36 22.17
C PHE C 14 16.56 16.07 22.73
N ILE C 15 15.96 15.58 23.82
CA ILE C 15 16.41 14.36 24.47
C ILE C 15 15.53 13.21 24.04
N VAL C 16 16.13 12.28 23.28
CA VAL C 16 15.44 11.12 22.73
C VAL C 16 16.12 9.86 23.16
N LYS C 17 15.39 8.76 23.10
CA LYS C 17 15.94 7.42 23.37
C LYS C 17 16.99 7.07 22.31
N ARG C 18 18.08 6.38 22.73
CA ARG C 18 19.16 5.94 21.86
C ARG C 18 18.60 5.21 20.63
N GLU C 19 17.66 4.27 20.86
CA GLU C 19 16.97 3.46 19.85
C GLU C 19 16.35 4.33 18.74
N HIS C 20 15.74 5.45 19.14
CA HIS C 20 15.05 6.39 18.27
C HIS C 20 16.03 7.19 17.42
N ALA C 21 17.12 7.68 18.03
CA ALA C 21 18.17 8.42 17.34
C ALA C 21 18.94 7.53 16.34
N LEU C 22 18.99 6.21 16.62
CA LEU C 22 19.68 5.22 15.79
C LEU C 22 19.01 4.99 14.43
N THR C 23 17.79 5.53 14.23
CA THR C 23 17.05 5.49 12.96
C THR C 23 17.92 6.17 11.88
N SER C 24 18.66 7.22 12.29
CA SER C 24 19.57 8.01 11.48
C SER C 24 21.00 7.44 11.52
N GLY C 25 21.52 7.10 10.35
CA GLY C 25 22.89 6.60 10.17
C GLY C 25 23.90 7.70 10.44
N THR C 26 23.55 8.93 10.01
CA THR C 26 24.31 10.16 10.25
C THR C 26 24.46 10.41 11.76
N ILE C 27 23.38 10.15 12.56
CA ILE C 27 23.46 10.34 14.01
C ILE C 27 24.37 9.25 14.62
N LYS C 28 24.32 7.98 14.14
CA LYS C 28 25.19 6.88 14.61
C LYS C 28 26.66 7.30 14.49
N ALA C 29 27.04 7.85 13.32
CA ALA C 29 28.38 8.34 12.99
C ALA C 29 28.80 9.48 13.92
N MET C 30 27.87 10.41 14.18
CA MET C 30 28.09 11.56 15.07
C MET C 30 28.23 11.19 16.54
N LEU C 31 27.65 10.04 16.96
CA LEU C 31 27.70 9.54 18.33
C LEU C 31 29.00 8.79 18.63
N GLU C 41 31.02 16.75 25.17
CA GLU C 41 30.29 15.79 25.98
C GLU C 41 29.74 14.64 25.14
N THR C 42 29.90 13.39 25.63
CA THR C 42 29.43 12.16 25.00
C THR C 42 27.89 12.11 25.00
N ASN C 43 27.31 11.41 23.99
CA ASN C 43 25.85 11.25 23.78
C ASN C 43 25.14 12.58 23.43
N GLU C 44 25.93 13.59 22.98
CA GLU C 44 25.48 14.90 22.56
C GLU C 44 25.90 15.13 21.12
N VAL C 45 24.98 15.63 20.30
CA VAL C 45 25.21 15.90 18.88
C VAL C 45 24.68 17.30 18.58
N ASN C 46 25.52 18.14 17.96
CA ASN C 46 25.16 19.51 17.60
C ASN C 46 24.92 19.65 16.12
N PHE C 47 23.85 20.35 15.76
CA PHE C 47 23.52 20.60 14.36
C PHE C 47 23.56 22.09 14.17
N ARG C 48 24.51 22.58 13.37
CA ARG C 48 24.68 24.01 13.11
C ARG C 48 23.76 24.48 11.98
N GLU C 49 23.10 23.53 11.31
CA GLU C 49 22.23 23.78 10.16
C GLU C 49 20.75 23.47 10.40
N ILE C 50 20.43 22.57 11.36
CA ILE C 50 19.04 22.16 11.60
C ILE C 50 18.36 23.00 12.71
N PRO C 51 17.37 23.84 12.32
CA PRO C 51 16.65 24.65 13.32
C PRO C 51 15.67 23.83 14.20
N SER C 52 15.25 24.40 15.35
CA SER C 52 14.40 23.76 16.37
C SER C 52 13.01 23.32 15.89
N HIS C 53 12.33 24.05 14.97
CA HIS C 53 11.03 23.59 14.47
C HIS C 53 11.19 22.32 13.58
N VAL C 54 12.30 22.23 12.83
CA VAL C 54 12.61 21.05 12.00
C VAL C 54 13.08 19.85 12.86
N LEU C 55 13.96 20.07 13.86
CA LEU C 55 14.53 19.02 14.69
C LEU C 55 13.45 18.30 15.53
N SER C 56 12.47 19.08 16.04
CA SER C 56 11.33 18.57 16.80
CA SER C 56 11.33 18.58 16.81
C SER C 56 10.53 17.55 15.99
N LYS C 57 10.23 17.91 14.73
CA LYS C 57 9.50 17.11 13.78
C LYS C 57 10.25 15.82 13.46
N VAL C 58 11.59 15.90 13.34
CA VAL C 58 12.48 14.77 13.08
C VAL C 58 12.39 13.75 14.26
N CYS C 59 12.32 14.26 15.51
CA CYS C 59 12.22 13.45 16.73
C CYS C 59 10.86 12.79 16.85
N MET C 60 9.82 13.48 16.38
CA MET C 60 8.47 12.93 16.30
C MET C 60 8.47 11.81 15.27
N TYR C 61 9.23 12.00 14.15
CA TYR C 61 9.40 10.98 13.12
C TYR C 61 10.13 9.75 13.67
N PHE C 62 11.18 9.93 14.51
CA PHE C 62 11.87 8.78 15.12
C PHE C 62 10.92 7.92 15.98
N THR C 63 10.09 8.57 16.81
CA THR C 63 9.12 7.93 17.72
C THR C 63 8.13 7.10 16.89
N TYR C 64 7.55 7.75 15.86
CA TYR C 64 6.58 7.21 14.92
C TYR C 64 7.14 5.98 14.19
N LYS C 65 8.39 6.10 13.75
CA LYS C 65 9.09 5.05 13.03
C LYS C 65 9.36 3.85 13.96
N VAL C 66 9.87 4.06 15.17
CA VAL C 66 10.18 2.97 16.12
C VAL C 66 8.91 2.18 16.49
N ARG C 67 7.83 2.90 16.81
CA ARG C 67 6.52 2.36 17.19
C ARG C 67 5.80 1.56 16.09
N TYR C 68 5.78 2.08 14.85
CA TYR C 68 5.04 1.46 13.76
C TYR C 68 5.83 0.51 12.85
N THR C 69 7.18 0.49 12.93
CA THR C 69 8.02 -0.41 12.12
C THR C 69 7.88 -1.83 12.65
N ASN C 70 7.64 -2.80 11.72
CA ASN C 70 7.45 -4.23 11.99
C ASN C 70 6.39 -4.49 13.06
N SER C 71 5.27 -3.74 12.94
CA SER C 71 4.10 -3.79 13.82
C SER C 71 2.88 -4.22 12.99
N SER C 72 2.04 -5.08 13.57
CA SER C 72 0.85 -5.62 12.91
C SER C 72 -0.31 -4.61 12.74
N THR C 73 -0.50 -3.71 13.72
CA THR C 73 -1.55 -2.69 13.75
C THR C 73 -1.56 -1.72 12.55
N GLU C 74 -2.74 -1.10 12.26
CA GLU C 74 -2.91 -0.11 11.19
C GLU C 74 -1.93 1.08 11.34
N ILE C 75 -1.34 1.53 10.23
CA ILE C 75 -0.36 2.61 10.27
C ILE C 75 -1.00 3.96 9.84
N PRO C 76 -0.94 5.00 10.70
CA PRO C 76 -1.50 6.30 10.30
C PRO C 76 -0.51 7.07 9.41
N GLU C 77 -1.00 8.11 8.75
CA GLU C 77 -0.15 8.95 7.91
C GLU C 77 0.74 9.82 8.82
N PHE C 78 2.03 9.94 8.47
CA PHE C 78 2.92 10.85 9.21
C PHE C 78 2.58 12.27 8.65
N PRO C 79 2.00 13.18 9.49
CA PRO C 79 1.61 14.50 8.95
C PRO C 79 2.78 15.45 8.73
N ILE C 80 2.73 16.22 7.64
CA ILE C 80 3.75 17.22 7.28
C ILE C 80 3.01 18.44 6.76
N ALA C 81 3.06 19.52 7.55
CA ALA C 81 2.46 20.80 7.18
C ALA C 81 3.27 21.37 5.99
N PRO C 82 2.60 22.01 5.00
CA PRO C 82 3.32 22.56 3.84
C PRO C 82 4.51 23.50 4.10
N GLU C 83 4.48 24.24 5.23
CA GLU C 83 5.49 25.27 5.57
C GLU C 83 6.85 24.70 5.98
N ILE C 84 6.89 23.49 6.56
CA ILE C 84 8.14 22.85 6.96
C ILE C 84 8.68 21.85 5.94
N ALA C 85 7.82 21.44 4.97
CA ALA C 85 8.10 20.41 3.95
C ALA C 85 9.51 20.45 3.35
N LEU C 86 9.95 21.63 2.83
CA LEU C 86 11.28 21.77 2.21
C LEU C 86 12.45 21.60 3.19
N GLU C 87 12.38 22.21 4.39
CA GLU C 87 13.46 22.13 5.39
C GLU C 87 13.57 20.72 5.96
N LEU C 88 12.40 20.08 6.18
CA LEU C 88 12.32 18.72 6.69
C LEU C 88 12.87 17.75 5.65
N LEU C 89 12.70 18.08 4.33
CA LEU C 89 13.25 17.32 3.22
C LEU C 89 14.79 17.38 3.23
N MET C 90 15.36 18.58 3.51
CA MET C 90 16.81 18.78 3.57
C MET C 90 17.43 18.00 4.73
N ALA C 91 16.81 18.10 5.92
CA ALA C 91 17.27 17.44 7.14
C ALA C 91 17.21 15.91 7.05
N ALA C 92 16.10 15.34 6.51
CA ALA C 92 15.90 13.90 6.34
C ALA C 92 16.92 13.33 5.36
N ASN C 93 17.19 14.08 4.27
CA ASN C 93 18.23 13.70 3.31
C ASN C 93 19.60 13.71 3.98
N PHE C 94 19.84 14.70 4.86
CA PHE C 94 21.12 14.81 5.58
C PHE C 94 21.30 13.69 6.62
N LEU C 95 20.24 13.39 7.38
CA LEU C 95 20.20 12.38 8.45
C LEU C 95 20.03 10.95 7.94
N ASP C 96 19.66 10.81 6.66
CA ASP C 96 19.43 9.55 5.98
C ASP C 96 18.37 8.68 6.70
N CYS C 97 17.22 9.29 7.00
CA CYS C 97 16.12 8.61 7.68
C CYS C 97 14.76 8.79 6.97
N PRO D 10 10.66 -14.45 -16.58
CA PRO D 10 10.58 -13.42 -15.54
C PRO D 10 10.28 -14.01 -14.16
N VAL D 11 11.14 -13.68 -13.16
CA VAL D 11 11.06 -14.15 -11.77
C VAL D 11 9.70 -13.81 -11.13
N LEU D 12 9.28 -12.53 -11.24
CA LEU D 12 8.01 -12.08 -10.69
C LEU D 12 6.89 -12.08 -11.72
N ARG D 13 6.08 -13.15 -11.67
CA ARG D 13 4.94 -13.38 -12.55
C ARG D 13 3.92 -14.29 -11.85
N SER D 14 2.69 -14.29 -12.36
CA SER D 14 1.68 -15.22 -11.87
C SER D 14 1.91 -16.53 -12.59
N VAL D 15 1.84 -17.61 -11.83
CA VAL D 15 1.95 -18.96 -12.34
C VAL D 15 0.57 -19.30 -12.99
N ASN D 16 0.51 -20.22 -13.95
CA ASN D 16 -0.75 -20.60 -14.61
C ASN D 16 -1.57 -21.52 -13.69
N SER D 17 -2.02 -20.95 -12.56
CA SER D 17 -2.78 -21.64 -11.54
C SER D 17 -4.18 -22.06 -11.95
N ARG D 18 -4.56 -23.27 -11.52
CA ARG D 18 -5.90 -23.80 -11.76
C ARG D 18 -6.78 -23.65 -10.52
N GLU D 19 -6.16 -23.44 -9.33
CA GLU D 19 -6.81 -23.32 -8.01
C GLU D 19 -7.41 -21.92 -7.73
N PRO D 20 -8.76 -21.81 -7.78
CA PRO D 20 -9.40 -20.52 -7.48
C PRO D 20 -9.25 -20.12 -6.02
N SER D 21 -9.09 -18.81 -5.76
CA SER D 21 -8.93 -18.30 -4.40
C SER D 21 -9.72 -17.01 -4.15
N GLN D 22 -10.67 -17.08 -3.20
CA GLN D 22 -11.47 -15.92 -2.78
C GLN D 22 -10.64 -15.09 -1.83
N VAL D 23 -10.49 -13.80 -2.16
CA VAL D 23 -9.69 -12.90 -1.35
C VAL D 23 -10.54 -11.72 -0.86
N ILE D 24 -10.28 -11.31 0.39
CA ILE D 24 -10.83 -10.10 0.96
C ILE D 24 -9.73 -9.03 0.80
N PHE D 25 -9.90 -8.11 -0.15
CA PHE D 25 -9.03 -6.95 -0.34
C PHE D 25 -9.50 -5.86 0.65
N CYS D 26 -8.80 -5.73 1.78
CA CYS D 26 -9.14 -4.80 2.84
C CYS D 26 -8.22 -3.57 2.92
N ASN D 27 -8.73 -2.44 2.45
CA ASN D 27 -8.04 -1.15 2.46
C ASN D 27 -8.05 -0.47 3.86
N ARG D 28 -6.99 -0.72 4.67
CA ARG D 28 -6.83 -0.14 6.03
C ARG D 28 -5.76 0.97 5.93
N SER D 29 -5.98 1.88 5.01
CA SER D 29 -5.07 2.96 4.68
C SER D 29 -5.89 4.22 4.30
N PRO D 30 -5.31 5.44 4.42
CA PRO D 30 -6.05 6.65 4.00
C PRO D 30 -5.94 6.93 2.49
N ARG D 31 -5.34 6.02 1.74
CA ARG D 31 -5.18 6.22 0.30
C ARG D 31 -6.16 5.43 -0.51
N VAL D 32 -6.44 5.92 -1.73
CA VAL D 32 -7.20 5.18 -2.73
C VAL D 32 -6.22 4.12 -3.24
N VAL D 33 -6.60 2.86 -3.09
CA VAL D 33 -5.73 1.75 -3.45
C VAL D 33 -5.92 1.29 -4.86
N LEU D 34 -4.78 1.19 -5.59
CA LEU D 34 -4.73 0.57 -6.90
C LEU D 34 -4.19 -0.88 -6.76
N PRO D 35 -5.05 -1.90 -6.91
CA PRO D 35 -4.56 -3.28 -6.92
C PRO D 35 -3.88 -3.57 -8.27
N VAL D 36 -2.73 -4.21 -8.21
CA VAL D 36 -1.94 -4.51 -9.40
C VAL D 36 -1.69 -6.02 -9.53
N TRP D 37 -2.26 -6.65 -10.57
CA TRP D 37 -2.01 -8.08 -10.79
C TRP D 37 -0.88 -8.22 -11.79
N LEU D 38 0.14 -9.04 -11.46
CA LEU D 38 1.20 -9.35 -12.43
C LEU D 38 0.68 -10.50 -13.23
N ASN D 39 0.67 -10.38 -14.55
CA ASN D 39 0.19 -11.45 -15.39
C ASN D 39 1.23 -12.60 -15.52
N PHE D 40 0.96 -13.54 -16.43
CA PHE D 40 1.81 -14.71 -16.68
C PHE D 40 3.16 -14.34 -17.34
N ASP D 41 3.30 -13.11 -17.87
CA ASP D 41 4.54 -12.61 -18.47
C ASP D 41 5.31 -11.67 -17.52
N GLY D 42 4.71 -11.38 -16.36
CA GLY D 42 5.26 -10.48 -15.34
C GLY D 42 4.85 -9.02 -15.52
N GLU D 43 3.95 -8.76 -16.51
CA GLU D 43 3.44 -7.43 -16.85
C GLU D 43 2.38 -6.92 -15.85
N PRO D 44 2.55 -5.67 -15.33
CA PRO D 44 1.57 -5.12 -14.38
C PRO D 44 0.21 -4.83 -15.02
N GLN D 45 -0.86 -5.29 -14.37
CA GLN D 45 -2.24 -5.08 -14.81
C GLN D 45 -3.04 -4.30 -13.75
N PRO D 46 -3.45 -3.05 -14.05
CA PRO D 46 -4.24 -2.28 -13.06
C PRO D 46 -5.66 -2.83 -12.90
N TYR D 47 -6.09 -3.00 -11.64
CA TYR D 47 -7.41 -3.52 -11.31
C TYR D 47 -8.30 -2.42 -10.74
N PRO D 48 -9.65 -2.61 -10.55
CA PRO D 48 -10.48 -1.51 -10.00
C PRO D 48 -10.00 -0.95 -8.65
N THR D 49 -10.02 0.37 -8.49
CA THR D 49 -9.51 0.98 -7.27
C THR D 49 -10.42 0.79 -6.03
N LEU D 50 -9.80 0.88 -4.84
CA LEU D 50 -10.48 0.78 -3.55
C LEU D 50 -10.41 2.06 -2.78
N PRO D 51 -11.58 2.70 -2.49
CA PRO D 51 -11.56 3.92 -1.64
C PRO D 51 -11.08 3.63 -0.22
N PRO D 52 -10.51 4.63 0.52
CA PRO D 52 -10.09 4.37 1.91
C PRO D 52 -11.20 3.78 2.80
N GLY D 53 -10.80 2.84 3.66
CA GLY D 53 -11.70 2.15 4.59
C GLY D 53 -12.76 1.29 3.94
N THR D 54 -12.45 0.68 2.76
CA THR D 54 -13.41 -0.18 2.07
C THR D 54 -12.83 -1.57 1.85
N GLY D 55 -13.71 -2.56 1.75
CA GLY D 55 -13.33 -3.94 1.52
C GLY D 55 -14.06 -4.55 0.35
N ARG D 56 -13.35 -5.36 -0.48
CA ARG D 56 -13.96 -6.07 -1.59
C ARG D 56 -13.62 -7.53 -1.55
N ARG D 57 -14.64 -8.39 -1.70
CA ARG D 57 -14.45 -9.83 -1.81
C ARG D 57 -14.26 -10.05 -3.29
N ILE D 58 -13.09 -10.59 -3.65
CA ILE D 58 -12.74 -10.77 -5.04
C ILE D 58 -12.28 -12.20 -5.37
N HIS D 59 -12.39 -12.58 -6.64
N HIS D 59 -12.39 -12.55 -6.64
CA HIS D 59 -11.98 -13.90 -7.10
CA HIS D 59 -11.96 -13.84 -7.14
C HIS D 59 -10.61 -13.87 -7.77
C HIS D 59 -10.54 -13.74 -7.69
N SER D 60 -9.64 -14.57 -7.17
CA SER D 60 -8.25 -14.67 -7.64
C SER D 60 -7.85 -16.16 -7.77
N TYR D 61 -6.55 -16.46 -7.81
CA TYR D 61 -5.99 -17.82 -7.93
C TYR D 61 -4.78 -17.98 -7.04
N ARG D 62 -4.62 -19.19 -6.46
CA ARG D 62 -3.45 -19.58 -5.65
C ARG D 62 -2.20 -19.44 -6.54
N GLY D 63 -1.15 -18.78 -6.03
CA GLY D 63 0.06 -18.58 -6.81
C GLY D 63 0.05 -17.37 -7.73
N HIS D 64 -1.03 -16.57 -7.70
CA HIS D 64 -1.11 -15.33 -8.49
C HIS D 64 -0.43 -14.20 -7.73
N LEU D 65 0.20 -13.26 -8.47
CA LEU D 65 0.94 -12.15 -7.82
C LEU D 65 0.21 -10.84 -7.87
N TRP D 66 0.16 -10.17 -6.69
CA TRP D 66 -0.46 -8.87 -6.45
C TRP D 66 0.46 -7.83 -5.79
N LEU D 67 0.31 -6.57 -6.21
CA LEU D 67 0.97 -5.38 -5.69
C LEU D 67 -0.07 -4.30 -5.43
N PHE D 68 0.19 -3.45 -4.46
CA PHE D 68 -0.76 -2.41 -4.04
C PHE D 68 -0.11 -1.04 -4.05
N ARG D 69 -0.71 -0.11 -4.80
CA ARG D 69 -0.18 1.24 -4.96
C ARG D 69 -1.20 2.30 -4.63
N ASP D 70 -0.73 3.53 -4.40
CA ASP D 70 -1.63 4.65 -4.21
C ASP D 70 -2.12 4.93 -5.67
N ALA D 71 -3.44 4.92 -5.87
CA ALA D 71 -4.02 5.07 -7.20
C ALA D 71 -3.75 6.43 -7.88
N GLY D 72 -3.54 7.49 -7.09
CA GLY D 72 -3.25 8.82 -7.62
C GLY D 72 -1.79 9.19 -7.80
N THR D 73 -0.88 8.61 -6.95
CA THR D 73 0.57 8.93 -6.93
C THR D 73 1.51 7.75 -7.25
N HIS D 74 0.98 6.51 -7.16
CA HIS D 74 1.72 5.27 -7.37
C HIS D 74 2.72 4.96 -6.25
N ASP D 75 2.57 5.56 -5.05
CA ASP D 75 3.41 5.24 -3.89
C ASP D 75 3.13 3.77 -3.49
N GLY D 76 4.18 3.07 -3.11
CA GLY D 76 4.10 1.68 -2.68
C GLY D 76 3.31 1.50 -1.42
N LEU D 77 2.60 0.37 -1.30
CA LEU D 77 1.80 0.11 -0.10
C LEU D 77 2.15 -1.26 0.46
N LEU D 78 1.78 -1.52 1.72
CA LEU D 78 1.99 -2.86 2.29
C LEU D 78 0.70 -3.69 2.25
N VAL D 79 0.86 -4.99 2.18
CA VAL D 79 -0.22 -5.97 2.19
C VAL D 79 0.24 -7.08 3.12
N ASN D 80 -0.47 -7.27 4.23
CA ASN D 80 -0.14 -8.25 5.29
C ASN D 80 1.33 -8.10 5.73
N GLN D 81 1.79 -6.82 5.82
CA GLN D 81 3.11 -6.33 6.25
C GLN D 81 4.26 -6.55 5.22
N THR D 82 3.93 -6.91 3.96
CA THR D 82 4.92 -7.16 2.91
C THR D 82 4.51 -6.49 1.59
N GLU D 83 5.41 -6.51 0.58
CA GLU D 83 5.16 -5.84 -0.70
C GLU D 83 4.34 -6.68 -1.67
N LEU D 84 4.55 -8.00 -1.66
CA LEU D 84 3.86 -8.90 -2.58
C LEU D 84 2.78 -9.70 -1.90
N PHE D 85 1.64 -9.84 -2.56
CA PHE D 85 0.53 -10.63 -2.08
C PHE D 85 0.32 -11.87 -2.95
N VAL D 86 0.38 -13.03 -2.31
CA VAL D 86 0.14 -14.29 -3.00
C VAL D 86 -1.02 -15.01 -2.33
N PRO D 87 -2.17 -15.18 -3.02
CA PRO D 87 -3.28 -15.94 -2.42
C PRO D 87 -2.89 -17.40 -2.13
N SER D 88 -3.22 -17.87 -0.92
CA SER D 88 -2.96 -19.22 -0.42
C SER D 88 -4.23 -20.06 -0.50
N LEU D 89 -4.23 -21.27 0.11
CA LEU D 89 -5.40 -22.16 0.10
C LEU D 89 -6.54 -21.62 0.99
N ASN D 90 -7.77 -21.65 0.46
CA ASN D 90 -8.99 -21.26 1.15
C ASN D 90 -9.46 -22.45 2.00
N VAL D 91 -9.08 -22.48 3.30
CA VAL D 91 -9.46 -23.59 4.20
C VAL D 91 -10.98 -23.58 4.45
N ASP D 92 -11.68 -24.60 3.89
CA ASP D 92 -13.14 -24.80 3.94
C ASP D 92 -13.90 -23.58 3.36
N GLY D 93 -13.53 -23.20 2.13
CA GLY D 93 -14.13 -22.09 1.39
C GLY D 93 -13.78 -20.69 1.85
N GLN D 94 -13.46 -20.52 3.16
CA GLN D 94 -13.11 -19.27 3.85
C GLN D 94 -12.12 -18.43 3.02
N PRO D 95 -12.41 -17.13 2.80
CA PRO D 95 -11.49 -16.32 1.98
C PRO D 95 -10.18 -15.96 2.68
N ILE D 96 -9.20 -15.51 1.89
CA ILE D 96 -7.90 -15.07 2.40
C ILE D 96 -8.00 -13.56 2.64
N PHE D 97 -7.60 -13.12 3.83
CA PHE D 97 -7.64 -11.73 4.25
C PHE D 97 -6.35 -10.99 3.83
N ALA D 98 -6.48 -10.01 2.92
CA ALA D 98 -5.34 -9.20 2.44
C ALA D 98 -5.46 -7.77 2.98
N ASN D 99 -4.77 -7.52 4.11
CA ASN D 99 -4.77 -6.23 4.81
C ASN D 99 -3.78 -5.23 4.20
N ILE D 100 -4.34 -4.27 3.44
CA ILE D 100 -3.59 -3.22 2.75
C ILE D 100 -3.41 -1.98 3.66
N THR D 101 -2.16 -1.71 4.04
CA THR D 101 -1.85 -0.57 4.90
C THR D 101 -0.77 0.29 4.27
N LEU D 102 -0.52 1.44 4.88
CA LEU D 102 0.58 2.31 4.50
C LEU D 102 1.83 1.66 5.04
N PRO D 103 2.95 1.73 4.30
CA PRO D 103 4.21 1.30 4.91
C PRO D 103 4.72 2.45 5.82
N VAL D 104 5.72 2.15 6.66
CA VAL D 104 6.39 3.17 7.45
C VAL D 104 7.40 3.73 6.44
N TYR D 105 6.99 4.79 5.70
CA TYR D 105 7.86 5.42 4.71
C TYR D 105 9.03 6.09 5.43
N THR D 106 10.18 6.23 4.75
CA THR D 106 11.31 6.97 5.31
C THR D 106 10.88 8.45 5.30
N LEU D 107 11.40 9.24 6.25
CA LEU D 107 11.07 10.67 6.35
C LEU D 107 11.36 11.40 5.03
N LYS D 108 12.42 10.96 4.32
CA LYS D 108 12.80 11.52 3.03
C LYS D 108 11.72 11.26 1.98
N GLU D 109 11.22 10.00 1.91
CA GLU D 109 10.17 9.63 0.98
C GLU D 109 8.84 10.30 1.29
N ARG D 110 8.48 10.38 2.60
CA ARG D 110 7.25 11.02 3.04
C ARG D 110 7.26 12.51 2.61
N CYS D 111 8.43 13.17 2.78
CA CYS D 111 8.68 14.56 2.37
C CYS D 111 8.54 14.76 0.87
N LEU D 112 9.11 13.84 0.07
CA LEU D 112 9.02 13.87 -1.40
C LEU D 112 7.56 13.79 -1.85
N GLN D 113 6.77 12.93 -1.19
CA GLN D 113 5.34 12.80 -1.48
C GLN D 113 4.59 14.11 -1.23
N VAL D 114 4.90 14.81 -0.10
CA VAL D 114 4.26 16.08 0.26
C VAL D 114 4.61 17.20 -0.75
N VAL D 115 5.91 17.35 -1.10
CA VAL D 115 6.36 18.37 -2.05
C VAL D 115 5.75 18.13 -3.45
N ARG D 116 5.71 16.84 -3.91
CA ARG D 116 5.11 16.45 -5.20
C ARG D 116 3.61 16.81 -5.26
N SER D 117 2.91 16.66 -4.10
CA SER D 117 1.49 16.96 -4.00
C SER D 117 1.15 18.48 -3.97
N LEU D 118 2.15 19.35 -3.78
CA LEU D 118 1.97 20.79 -3.66
C LEU D 118 2.60 21.62 -4.78
N VAL D 119 3.48 21.00 -5.58
CA VAL D 119 4.26 21.68 -6.62
C VAL D 119 4.08 20.97 -7.94
N LYS D 120 3.76 21.73 -9.00
CA LYS D 120 3.66 21.11 -10.32
C LYS D 120 5.10 20.83 -10.86
N PRO D 121 5.35 19.74 -11.65
CA PRO D 121 6.73 19.43 -12.11
C PRO D 121 7.55 20.56 -12.75
N GLU D 122 6.88 21.51 -13.44
CA GLU D 122 7.54 22.66 -14.09
C GLU D 122 8.21 23.60 -13.08
N ASN D 123 7.82 23.52 -11.81
CA ASN D 123 8.30 24.38 -10.74
C ASN D 123 9.23 23.71 -9.72
N TYR D 124 9.60 22.43 -9.91
CA TYR D 124 10.49 21.72 -8.99
C TYR D 124 11.83 22.46 -8.81
N ARG D 125 12.44 22.91 -9.94
CA ARG D 125 13.71 23.63 -10.01
C ARG D 125 13.66 25.03 -9.36
N ARG D 126 12.46 25.54 -9.06
CA ARG D 126 12.31 26.86 -8.40
C ARG D 126 12.28 26.75 -6.86
N LEU D 127 12.38 25.52 -6.34
CA LEU D 127 12.38 25.28 -4.90
C LEU D 127 13.78 25.48 -4.33
N ASP D 128 13.88 26.16 -3.16
CA ASP D 128 15.17 26.41 -2.51
C ASP D 128 15.63 25.19 -1.74
N ILE D 129 16.14 24.21 -2.49
CA ILE D 129 16.66 22.92 -1.99
C ILE D 129 17.97 22.57 -2.68
N VAL D 130 18.69 21.59 -2.11
CA VAL D 130 19.94 21.01 -2.62
C VAL D 130 19.67 20.45 -4.02
N ARG D 131 20.56 20.76 -4.99
CA ARG D 131 20.47 20.34 -6.40
C ARG D 131 20.01 18.87 -6.60
N SER D 132 20.57 17.92 -5.80
CA SER D 132 20.20 16.49 -5.90
C SER D 132 18.71 16.18 -5.60
N LEU D 133 18.09 16.92 -4.64
CA LEU D 133 16.68 16.73 -4.28
C LEU D 133 15.72 17.02 -5.44
N TYR D 134 16.13 17.83 -6.46
CA TYR D 134 15.33 18.06 -7.66
C TYR D 134 15.16 16.72 -8.43
N GLU D 135 16.26 15.95 -8.62
CA GLU D 135 16.25 14.65 -9.31
C GLU D 135 15.46 13.59 -8.53
N ASP D 136 15.48 13.70 -7.18
CA ASP D 136 14.73 12.84 -6.27
C ASP D 136 13.21 13.10 -6.42
N LEU D 137 12.80 14.38 -6.63
CA LEU D 137 11.39 14.76 -6.83
C LEU D 137 10.88 14.25 -8.17
N GLU D 138 11.75 14.38 -9.19
CA GLU D 138 11.54 13.96 -10.58
C GLU D 138 11.45 12.44 -10.72
N ASP D 139 12.05 11.69 -9.76
CA ASP D 139 12.02 10.23 -9.75
C ASP D 139 10.79 9.69 -9.00
N HIS D 140 9.63 9.78 -9.68
CA HIS D 140 8.31 9.37 -9.18
C HIS D 140 8.20 7.87 -8.97
N PRO D 141 7.55 7.41 -7.85
CA PRO D 141 7.35 5.95 -7.67
C PRO D 141 6.55 5.33 -8.82
N ASN D 142 6.89 4.09 -9.14
CA ASN D 142 6.28 3.29 -10.21
C ASN D 142 6.52 1.82 -9.92
N VAL D 143 5.57 0.97 -10.36
CA VAL D 143 5.57 -0.48 -10.18
C VAL D 143 6.83 -1.15 -10.74
N GLN D 144 7.22 -0.78 -11.98
CA GLN D 144 8.36 -1.34 -12.69
C GLN D 144 9.71 -1.16 -11.99
N LYS D 145 9.95 -0.01 -11.33
CA LYS D 145 11.19 0.25 -10.59
C LYS D 145 11.34 -0.72 -9.42
N ASP D 146 10.25 -0.91 -8.65
CA ASP D 146 10.18 -1.82 -7.52
C ASP D 146 10.20 -3.30 -7.93
N LEU D 147 9.72 -3.61 -9.15
CA LEU D 147 9.72 -4.97 -9.70
C LEU D 147 11.13 -5.55 -9.85
N GLU D 148 12.10 -4.69 -10.25
CA GLU D 148 13.51 -5.05 -10.42
C GLU D 148 14.16 -5.37 -9.06
N ARG D 149 13.92 -4.50 -8.05
CA ARG D 149 14.40 -4.63 -6.67
C ARG D 149 13.82 -5.90 -6.00
N LEU D 150 12.50 -6.14 -6.16
CA LEU D 150 11.82 -7.31 -5.60
C LEU D 150 12.20 -8.62 -6.28
N THR D 151 12.70 -8.55 -7.53
CA THR D 151 13.21 -9.69 -8.30
C THR D 151 14.51 -10.18 -7.65
N GLN D 152 15.45 -9.25 -7.37
CA GLN D 152 16.75 -9.52 -6.75
C GLN D 152 16.62 -10.13 -5.36
N GLU D 153 15.70 -9.56 -4.54
CA GLU D 153 15.40 -10.04 -3.18
C GLU D 153 14.85 -11.49 -3.20
N ARG D 154 13.97 -11.81 -4.18
CA ARG D 154 13.39 -13.13 -4.37
C ARG D 154 14.47 -14.17 -4.76
N ILE D 155 15.38 -13.80 -5.70
CA ILE D 155 16.48 -14.63 -6.15
C ILE D 155 17.40 -14.95 -4.96
N ALA D 156 17.81 -13.90 -4.18
CA ALA D 156 18.65 -14.00 -3.00
C ALA D 156 18.06 -14.94 -1.93
N HIS D 157 16.71 -14.88 -1.73
CA HIS D 157 15.97 -15.73 -0.79
C HIS D 157 15.97 -17.18 -1.29
N GLN D 158 15.65 -17.39 -2.58
CA GLN D 158 15.64 -18.69 -3.27
C GLN D 158 17.02 -19.37 -3.24
N ARG D 159 18.11 -18.58 -3.35
CA ARG D 159 19.48 -19.07 -3.31
C ARG D 159 19.90 -19.56 -1.92
N MET D 160 19.37 -18.91 -0.86
CA MET D 160 19.64 -19.24 0.54
C MET D 160 18.59 -20.21 1.08
C4 A1IYM E . -12.28 -7.27 -10.02
C5 A1IYM E . -12.40 -8.43 -10.77
C6 A1IYM E . -11.69 -9.59 -10.43
C7 A1IYM E . -11.36 -6.04 -8.06
C10 A1IYM E . -11.89 -10.86 -11.23
C13 A1IYM E . -8.60 -12.70 -11.59
C17 A1IYM E . -10.98 -9.76 -18.62
C20 A1IYM E . -11.48 -10.79 -16.14
C21 A1IYM E . -12.35 -5.28 -7.47
C26 A1IYM E . -6.26 -12.63 -11.06
C1 A1IYM E . -10.84 -9.54 -9.33
C2 A1IYM E . -10.73 -8.40 -8.57
C3 A1IYM E . -11.45 -7.26 -8.90
O8 A1IYM E . -13.06 -8.51 -11.97
C9 A1IYM E . -13.29 -7.35 -12.78
N11 A1IYM E . -10.79 -11.80 -11.15
C12 A1IYM E . -9.76 -11.80 -12.00
O14 A1IYM E . -9.72 -11.12 -13.03
N15 A1IYM E . -11.90 -9.35 -16.33
C16 A1IYM E . -12.01 -9.00 -17.78
C18 A1IYM E . -11.21 -11.27 -18.56
C19 A1IYM E . -11.98 -11.63 -17.29
N22 A1IYM E . -11.88 -4.25 -6.68
C23 A1IYM E . -10.59 -4.24 -6.66
S24 A1IYM E . -9.82 -5.45 -7.60
C25 A1IYM E . -7.56 -11.88 -10.80
C27 A1IYM E . -6.38 -13.00 -12.53
N28 A1IYM E . -7.80 -13.27 -12.70
C29 A1IYM E . -8.41 -14.03 -13.62
O30 A1IYM E . -9.59 -14.34 -13.52
C31 A1IYM E . -7.58 -14.60 -14.78
N32 A1IYM E . -7.97 -15.99 -14.96
C33 A1IYM E . -7.70 -13.78 -16.11
C34 A1IYM E . -7.34 -12.31 -15.86
C35 A1IYM E . -6.73 -14.37 -17.13
C36 A1IYM E . -9.11 -13.86 -16.68
C37 A1IYM E . -7.18 -17.05 -14.75
O38 A1IYM E . -6.04 -16.98 -14.34
C39 A1IYM E . -7.78 -18.45 -15.01
O40 A1IYM E . -6.27 -13.81 -10.26
C41 A1IYM E . -11.75 -11.85 -19.86
C42 A1IYM E . -10.97 -11.73 -21.01
C43 A1IYM E . -11.47 -12.22 -22.21
C44 A1IYM E . -12.71 -12.84 -22.29
C45 A1IYM E . -13.49 -12.98 -21.14
C46 A1IYM E . -12.99 -12.48 -19.93
C47 A1IYM E . -13.82 -5.46 -7.60
F48 A1IYM E . -9.18 -18.45 -15.23
C49 A1IYM E . -7.29 -19.64 -14.26
C50 A1IYM E . -7.06 -19.51 -15.74
N51 A1IYM E . -10.96 -12.08 -23.50
C52 A1IYM E . -11.88 -12.61 -24.38
N53 A1IYM E . -12.96 -13.09 -23.65
C54 A1IYM E . -9.69 -11.41 -23.89
C55 A1IYM E . -8.45 -11.94 -23.14
C56 A1IYM E . -7.71 -10.70 -22.65
C57 A1IYM E . -8.24 -9.56 -23.43
C58 A1IYM E . -9.69 -9.90 -23.67
N59 A1IYM E . -11.79 -12.57 -25.68
C60 A1IYM E . -12.80 -13.13 -26.47
C61 A1IYM E . -13.92 -13.80 -25.78
C62 A1IYM E . -14.02 -13.75 -24.37
C63 A1IYM E . -14.90 -14.52 -26.49
C64 A1IYM E . -15.98 -15.10 -25.83
C65 A1IYM E . -16.06 -15.02 -24.46
C66 A1IYM E . -15.08 -14.37 -23.72
BR67 A1IYM E . -14.75 -14.90 -28.36
O68 A1IYM E . -12.80 -12.92 -27.68
C69 A1IYM E . -11.01 -8.40 -15.57
C70 A1IYM E . -12.05 -7.10 -13.61
C71 A1IYM E . -11.33 -8.37 -14.09
H74 A1IYM E . -12.79 -6.34 -10.23
H77 A1IYM E . -12.76 -11.36 -10.81
H78 A1IYM E . -12.17 -10.68 -12.26
H80 A1IYM E . -8.97 -13.53 -11.00
H84 A1IYM E . -10.94 -9.37 -19.63
H85 A1IYM E . -9.99 -9.53 -18.21
H89 A1IYM E . -10.40 -10.87 -16.04
H90 A1IYM E . -11.87 -11.16 -15.20
H94 A1IYM E . -5.40 -12.02 -10.83
H72 A1IYM E . -10.23 -10.40 -9.06
H73 A1IYM E . -10.06 -8.39 -7.71
H76 A1IYM E . -14.13 -7.57 -13.43
H75 A1IYM E . -13.57 -6.47 -12.20
H79 A1IYM E . -10.86 -12.49 -10.41
H82 A1IYM E . -13.01 -9.23 -18.17
H83 A1IYM E . -11.91 -7.93 -17.94
H86 A1IYM E . -10.21 -11.70 -18.44
H88 A1IYM E . -11.85 -12.68 -17.05
H87 A1IYM E . -13.06 -11.51 -17.38
H91 A1IYM E . -9.99 -3.54 -6.08
H92 A1IYM E . -7.50 -10.84 -11.13
H93 A1IYM E . -7.82 -11.84 -9.75
H95 A1IYM E . -6.02 -12.18 -13.17
H96 A1IYM E . -5.75 -13.85 -12.77
H97 A1IYM E . -6.52 -14.59 -14.56
H98 A1IYM E . -8.93 -16.14 -15.21
H100 A1IYM E . -7.35 -11.76 -16.80
H101 A1IYM E . -6.35 -12.21 -15.44
H99 A1IYM E . -8.05 -11.80 -15.21
H103 A1IYM E . -6.98 -15.39 -17.40
H104 A1IYM E . -5.70 -14.40 -16.77
H102 A1IYM E . -6.71 -13.82 -18.06
H107 A1IYM E . -9.45 -14.87 -16.91
H106 A1IYM E . -9.14 -13.32 -17.63
H105 A1IYM E . -9.86 -13.38 -16.03
H108 A1IYM E . -5.33 -14.11 -10.21
H109 A1IYM E . -10.00 -11.25 -20.96
H110 A1IYM E . -14.47 -13.43 -21.14
H111 A1IYM E . -13.64 -12.64 -19.07
H114 A1IYM E . -14.08 -6.48 -7.91
H113 A1IYM E . -14.24 -4.76 -8.32
H112 A1IYM E . -14.32 -5.27 -6.66
H115 A1IYM E . -6.48 -19.52 -13.56
H116 A1IYM E . -8.00 -20.38 -13.88
H118 A1IYM E . -7.57 -20.17 -16.44
H117 A1IYM E . -6.05 -19.32 -16.12
H119 A1IYM E . -9.58 -11.61 -24.95
H120 A1IYM E . -7.82 -12.52 -23.82
H121 A1IYM E . -8.66 -12.64 -22.34
H122 A1IYM E . -6.63 -10.80 -22.74
H123 A1IYM E . -7.86 -10.56 -21.58
H124 A1IYM E . -7.69 -9.43 -24.37
H125 A1IYM E . -8.13 -8.61 -22.92
H126 A1IYM E . -10.29 -9.59 -22.81
H127 A1IYM E . -10.12 -9.38 -24.51
H128 A1IYM E . -16.74 -15.64 -26.39
H129 A1IYM E . -16.92 -15.45 -23.94
H130 A1IYM E . -15.17 -14.41 -22.64
H132 A1IYM E . -11.04 -7.40 -16.01
H131 A1IYM E . -9.97 -8.71 -15.69
H134 A1IYM E . -12.31 -6.47 -14.47
H133 A1IYM E . -11.36 -6.49 -13.05
H136 A1IYM E . -10.41 -8.49 -13.53
H135 A1IYM E . -11.90 -9.26 -13.84
H81 A1IYM E . -12.83 -9.26 -15.94
#